data_5U26
#
_entry.id   5U26
#
_cell.length_a   29.050
_cell.length_b   66.980
_cell.length_c   77.260
_cell.angle_alpha   90.000
_cell.angle_beta   90.000
_cell.angle_gamma   90.000
#
_symmetry.space_group_name_H-M   'P 21 21 21'
#
loop_
_entity.id
_entity.type
_entity.pdbx_description
1 polymer 'Dihydrofolate reductase'
2 non-polymer '3-(2-{3-[(2,4-diamino-6-ethylpyrimidin-5-yl)oxy]propoxy}phenyl)propanoic acid'
3 non-polymer 'NADP NICOTINAMIDE-ADENINE-DINUCLEOTIDE PHOSPHATE'
4 non-polymer 1,2-ETHANEDIOL
5 non-polymer 'SULFATE ION'
6 water water
#
_entity_poly.entity_id   1
_entity_poly.type   'polypeptide(L)'
_entity_poly.pdbx_seq_one_letter_code
;MGSSHHHHHHSSGLVPRGSHMVGLIWAQATSGVIGRGGDIPWRLPEDQAHFREITMGHTIVMGRRTWDSLPAKVRPLPGR
RNVVLSRQADFMASGAEVVGSLEEALTSPETWVIGGGQVYALALPYATRCEVTEVDIGLPREAGDALAPVLDETWRGETG
EWRFSRSGLRYRLYSYHRS
;
_entity_poly.pdbx_strand_id   A
#
loop_
_chem_comp.id
_chem_comp.type
_chem_comp.name
_chem_comp.formula
EDO non-polymer 1,2-ETHANEDIOL 'C2 H6 O2'
MMV non-polymer '3-(2-{3-[(2,4-diamino-6-ethylpyrimidin-5-yl)oxy]propoxy}phenyl)propanoic acid' 'C18 H24 N4 O4'
NAP non-polymer 'NADP NICOTINAMIDE-ADENINE-DINUCLEOTIDE PHOSPHATE' 'C21 H28 N7 O17 P3'
SO4 non-polymer 'SULFATE ION' 'O4 S -2'
#
# COMPACT_ATOMS: atom_id res chain seq x y z
N LEU A 14 2.15 20.78 -3.02
CA LEU A 14 3.43 20.13 -3.28
C LEU A 14 3.45 19.48 -4.68
N VAL A 15 2.31 18.97 -5.13
CA VAL A 15 2.28 18.27 -6.42
C VAL A 15 1.58 19.17 -7.46
N PRO A 16 2.31 19.60 -8.51
CA PRO A 16 1.61 20.39 -9.55
C PRO A 16 0.50 19.54 -10.20
N ARG A 17 -0.60 20.16 -10.58
CA ARG A 17 -1.78 19.36 -10.92
C ARG A 17 -1.63 18.64 -12.29
N GLY A 18 -0.67 19.08 -13.08
CA GLY A 18 -0.36 18.45 -14.34
C GLY A 18 0.55 17.23 -14.23
N SER A 19 1.06 16.96 -13.01
CA SER A 19 1.95 15.83 -12.79
CA SER A 19 1.94 15.82 -12.84
C SER A 19 1.19 14.55 -12.45
N HIS A 20 1.93 13.48 -12.23
CA HIS A 20 1.34 12.22 -11.81
C HIS A 20 2.23 11.59 -10.75
N MET A 21 2.05 11.98 -9.49
CA MET A 21 2.86 11.44 -8.39
C MET A 21 2.29 10.07 -8.06
N VAL A 22 3.11 9.04 -8.12
CA VAL A 22 2.72 7.72 -7.66
C VAL A 22 3.44 7.39 -6.35
N GLY A 23 2.67 7.04 -5.32
CA GLY A 23 3.25 6.70 -4.03
C GLY A 23 2.81 5.29 -3.64
N LEU A 24 3.67 4.58 -2.91
CA LEU A 24 3.34 3.25 -2.41
C LEU A 24 3.21 3.36 -0.90
N ILE A 25 2.19 2.70 -0.33
CA ILE A 25 2.08 2.67 1.12
C ILE A 25 1.86 1.24 1.58
N TRP A 26 2.66 0.76 2.54
CA TRP A 26 2.49 -0.60 3.05
C TRP A 26 3.02 -0.74 4.47
N ALA A 27 2.62 -1.84 5.12
CA ALA A 27 3.11 -2.23 6.43
C ALA A 27 3.80 -3.59 6.28
N GLN A 28 4.99 -3.70 6.84
CA GLN A 28 5.73 -4.95 6.71
C GLN A 28 6.26 -5.41 8.04
N ALA A 29 6.34 -6.73 8.20
CA ALA A 29 7.20 -7.29 9.24
C ALA A 29 8.66 -6.97 8.91
N THR A 30 9.53 -7.11 9.90
CA THR A 30 10.94 -6.79 9.73
C THR A 30 11.56 -7.75 8.72
N SER A 31 10.91 -8.89 8.52
CA SER A 31 11.36 -9.84 7.50
C SER A 31 10.93 -9.48 6.07
N GLY A 32 10.12 -8.43 5.90
CA GLY A 32 9.59 -8.14 4.58
C GLY A 32 8.23 -8.77 4.25
N VAL A 33 7.72 -9.62 5.13
CA VAL A 33 6.39 -10.23 4.89
C VAL A 33 5.31 -9.16 5.02
N ILE A 34 4.46 -9.05 4.01
CA ILE A 34 3.31 -8.16 4.10
C ILE A 34 1.96 -8.88 4.08
N GLY A 35 1.95 -10.15 3.67
CA GLY A 35 0.69 -10.82 3.43
C GLY A 35 0.84 -12.30 3.49
N ARG A 36 -0.20 -12.98 3.97
CA ARG A 36 -0.15 -14.41 4.19
C ARG A 36 -1.57 -14.94 4.38
N GLY A 37 -1.89 -16.05 3.72
CA GLY A 37 -3.22 -16.66 3.83
C GLY A 37 -4.34 -15.70 3.48
N GLY A 38 -4.11 -14.83 2.52
CA GLY A 38 -5.15 -13.90 2.09
C GLY A 38 -5.42 -12.75 3.05
N ASP A 39 -4.44 -12.45 3.90
CA ASP A 39 -4.66 -11.50 4.99
C ASP A 39 -3.33 -10.88 5.41
N ILE A 40 -3.38 -9.95 6.35
CA ILE A 40 -2.17 -9.33 6.91
C ILE A 40 -1.94 -10.01 8.26
N PRO A 41 -0.74 -10.57 8.48
CA PRO A 41 -0.64 -11.43 9.67
C PRO A 41 -0.26 -10.69 10.97
N TRP A 42 -0.92 -9.56 11.21
CA TRP A 42 -0.86 -8.87 12.51
C TRP A 42 -2.03 -7.88 12.55
N ARG A 43 -2.27 -7.32 13.73
CA ARG A 43 -3.33 -6.34 13.89
C ARG A 43 -2.73 -5.11 14.56
N LEU A 44 -2.89 -3.94 13.94
CA LEU A 44 -2.24 -2.72 14.36
C LEU A 44 -3.04 -1.44 13.99
N PRO A 45 -3.98 -1.16 15.00
CA PRO A 45 -4.86 0.00 14.80
C PRO A 45 -4.09 1.28 14.56
N GLU A 46 -2.92 1.41 15.20
CA GLU A 46 -2.03 2.53 14.96
C GLU A 46 -1.67 2.68 13.46
N ASP A 47 -1.42 1.55 12.81
CA ASP A 47 -1.08 1.58 11.40
C ASP A 47 -2.31 1.87 10.56
N GLN A 48 -3.46 1.36 10.99
CA GLN A 48 -4.68 1.66 10.29
C GLN A 48 -4.93 3.17 10.25
N ALA A 49 -4.70 3.80 11.38
CA ALA A 49 -4.91 5.24 11.45
C ALA A 49 -3.97 6.00 10.54
N HIS A 50 -2.70 5.61 10.56
CA HIS A 50 -1.68 6.19 9.70
C HIS A 50 -2.05 6.04 8.22
N PHE A 51 -2.45 4.83 7.86
CA PHE A 51 -2.86 4.54 6.50
C PHE A 51 -3.98 5.46 6.04
N ARG A 52 -4.98 5.67 6.91
CA ARG A 52 -6.08 6.57 6.58
C ARG A 52 -5.65 8.02 6.48
N GLU A 53 -4.72 8.47 7.34
CA GLU A 53 -4.31 9.87 7.26
C GLU A 53 -3.67 10.15 5.91
N ILE A 54 -2.90 9.20 5.41
CA ILE A 54 -2.14 9.41 4.18
C ILE A 54 -3.07 9.30 2.97
N THR A 55 -3.96 8.32 2.98
CA THR A 55 -4.73 8.03 1.78
C THR A 55 -6.11 8.70 1.70
N MET A 56 -6.66 9.20 2.81
CA MET A 56 -8.05 9.69 2.77
C MET A 56 -8.23 10.77 1.69
N GLY A 57 -9.35 10.70 0.97
CA GLY A 57 -9.63 11.68 -0.08
C GLY A 57 -8.95 11.36 -1.40
N HIS A 58 -8.03 10.40 -1.42
CA HIS A 58 -7.25 10.15 -2.63
C HIS A 58 -7.74 8.98 -3.48
N THR A 59 -7.27 8.93 -4.72
CA THR A 59 -7.41 7.72 -5.53
C THR A 59 -6.47 6.66 -4.99
N ILE A 60 -7.00 5.48 -4.71
CA ILE A 60 -6.15 4.38 -4.26
C ILE A 60 -6.28 3.23 -5.24
N VAL A 61 -5.14 2.55 -5.45
CA VAL A 61 -5.07 1.49 -6.43
C VAL A 61 -4.64 0.21 -5.75
N MET A 62 -5.36 -0.88 -6.02
CA MET A 62 -5.03 -2.17 -5.39
C MET A 62 -5.19 -3.33 -6.35
N GLY A 63 -4.48 -4.42 -6.07
CA GLY A 63 -4.68 -5.64 -6.84
C GLY A 63 -5.97 -6.30 -6.44
N ARG A 64 -6.49 -7.15 -7.32
CA ARG A 64 -7.74 -7.83 -7.04
C ARG A 64 -7.67 -8.64 -5.73
N ARG A 65 -6.56 -9.27 -5.45
CA ARG A 65 -6.47 -10.09 -4.27
C ARG A 65 -6.50 -9.22 -3.01
N THR A 66 -5.99 -8.01 -3.11
CA THR A 66 -6.07 -7.09 -1.99
C THR A 66 -7.52 -6.65 -1.76
N TRP A 67 -8.26 -6.42 -2.84
CA TRP A 67 -9.69 -6.19 -2.71
C TRP A 67 -10.35 -7.36 -1.96
N ASP A 68 -10.03 -8.58 -2.36
CA ASP A 68 -10.62 -9.77 -1.71
C ASP A 68 -10.26 -9.78 -0.23
N SER A 69 -9.06 -9.29 0.09
CA SER A 69 -8.54 -9.35 1.46
C SER A 69 -9.18 -8.31 2.39
N LEU A 70 -9.87 -7.32 1.83
CA LEU A 70 -10.39 -6.25 2.69
C LEU A 70 -11.48 -6.78 3.61
N PRO A 71 -11.43 -6.37 4.91
CA PRO A 71 -12.54 -6.73 5.79
C PRO A 71 -13.82 -6.23 5.18
N ALA A 72 -14.89 -7.02 5.22
CA ALA A 72 -16.17 -6.64 4.64
C ALA A 72 -16.61 -5.24 5.06
N LYS A 73 -16.33 -4.87 6.31
CA LYS A 73 -16.74 -3.58 6.88
C LYS A 73 -16.10 -2.39 6.16
N VAL A 74 -14.98 -2.59 5.49
CA VAL A 74 -14.34 -1.49 4.78
C VAL A 74 -14.04 -1.88 3.33
N ARG A 75 -15.00 -2.55 2.71
CA ARG A 75 -14.86 -2.87 1.29
C ARG A 75 -16.10 -2.31 0.56
N PRO A 76 -15.95 -1.20 -0.20
CA PRO A 76 -14.70 -0.49 -0.50
C PRO A 76 -14.17 0.31 0.70
N LEU A 77 -12.91 0.75 0.63
CA LEU A 77 -12.35 1.59 1.66
C LEU A 77 -13.06 2.94 1.57
N PRO A 78 -13.71 3.36 2.66
CA PRO A 78 -14.56 4.55 2.60
C PRO A 78 -13.76 5.85 2.44
N GLY A 79 -14.36 6.84 1.80
CA GLY A 79 -13.75 8.15 1.64
C GLY A 79 -12.63 8.24 0.60
N ARG A 80 -12.46 7.20 -0.20
CA ARG A 80 -11.38 7.14 -1.18
C ARG A 80 -11.91 6.55 -2.47
N ARG A 81 -11.35 6.98 -3.61
CA ARG A 81 -11.75 6.42 -4.90
C ARG A 81 -11.04 5.07 -5.12
N ASN A 82 -11.79 3.97 -4.96
CA ASN A 82 -11.17 2.63 -4.95
C ASN A 82 -11.00 2.13 -6.38
N VAL A 83 -9.76 1.86 -6.77
CA VAL A 83 -9.44 1.33 -8.10
C VAL A 83 -8.85 -0.08 -7.95
N VAL A 84 -9.48 -1.05 -8.58
CA VAL A 84 -9.01 -2.43 -8.48
C VAL A 84 -8.45 -2.92 -9.81
N LEU A 85 -7.23 -3.43 -9.78
CA LEU A 85 -6.61 -3.99 -10.98
C LEU A 85 -6.97 -5.47 -11.10
N SER A 86 -7.53 -5.84 -12.24
CA SER A 86 -7.87 -7.23 -12.51
C SER A 86 -7.91 -7.47 -14.00
N ARG A 87 -7.64 -8.70 -14.41
CA ARG A 87 -7.77 -9.06 -15.83
C ARG A 87 -9.10 -9.76 -16.07
N GLN A 88 -9.92 -9.85 -15.02
CA GLN A 88 -11.23 -10.46 -15.15
C GLN A 88 -12.27 -9.41 -15.53
N ALA A 89 -12.75 -9.44 -16.77
CA ALA A 89 -13.75 -8.42 -17.17
C ALA A 89 -15.01 -8.46 -16.31
N ASP A 90 -15.39 -9.64 -15.83
CA ASP A 90 -16.67 -9.78 -15.14
C ASP A 90 -16.56 -9.61 -13.61
N PHE A 91 -15.42 -9.15 -13.13
CA PHE A 91 -15.19 -9.09 -11.68
C PHE A 91 -16.16 -8.12 -11.02
N MET A 92 -16.75 -8.53 -9.91
CA MET A 92 -17.66 -7.64 -9.20
C MET A 92 -16.95 -6.96 -8.04
N ALA A 93 -16.75 -5.66 -8.14
CA ALA A 93 -16.20 -4.86 -7.05
C ALA A 93 -17.14 -3.68 -6.80
N SER A 94 -18.22 -3.98 -6.08
CA SER A 94 -19.26 -3.01 -5.80
C SER A 94 -18.72 -1.82 -5.00
N GLY A 95 -18.95 -0.62 -5.49
CA GLY A 95 -18.41 0.57 -4.84
C GLY A 95 -17.02 0.98 -5.30
N ALA A 96 -16.41 0.16 -6.16
CA ALA A 96 -15.09 0.45 -6.71
C ALA A 96 -15.16 0.43 -8.23
N GLU A 97 -14.05 0.73 -8.88
CA GLU A 97 -13.96 0.58 -10.33
C GLU A 97 -12.86 -0.43 -10.62
N VAL A 98 -13.06 -1.24 -11.65
CA VAL A 98 -12.07 -2.23 -12.04
C VAL A 98 -11.41 -1.81 -13.36
N VAL A 99 -10.13 -1.72 -13.31
CA VAL A 99 -9.34 -1.46 -14.55
CA VAL A 99 -9.32 -1.39 -14.49
C VAL A 99 -8.30 -2.63 -14.93
N GLY A 100 -8.26 -2.82 -16.25
CA GLY A 100 -7.49 -3.95 -16.74
C GLY A 100 -6.01 -3.70 -16.99
N SER A 101 -5.52 -2.51 -16.68
CA SER A 101 -4.11 -2.19 -16.91
C SER A 101 -3.58 -1.15 -15.93
N LEU A 102 -2.27 -1.18 -15.68
CA LEU A 102 -1.66 -0.22 -14.75
C LEU A 102 -1.83 1.20 -15.27
N GLU A 103 -1.80 1.36 -16.60
CA GLU A 103 -1.93 2.65 -17.25
C GLU A 103 -3.25 3.37 -16.97
N GLU A 104 -4.37 2.66 -17.04
CA GLU A 104 -5.63 3.32 -16.72
C GLU A 104 -5.76 3.55 -15.24
N ALA A 105 -4.91 2.88 -14.45
CA ALA A 105 -5.02 3.00 -13.00
C ALA A 105 -4.35 4.28 -12.49
N LEU A 106 -3.37 4.79 -13.22
CA LEU A 106 -2.53 5.86 -12.68
C LEU A 106 -2.77 7.19 -13.36
N THR A 107 -4.03 7.58 -13.51
CA THR A 107 -4.35 8.81 -14.25
C THR A 107 -4.52 10.03 -13.36
N SER A 108 -4.68 9.82 -12.05
CA SER A 108 -4.89 10.94 -11.11
CA SER A 108 -4.89 10.94 -11.12
C SER A 108 -3.58 11.70 -10.86
N PRO A 109 -3.67 13.00 -10.48
CA PRO A 109 -2.43 13.73 -10.19
C PRO A 109 -1.64 13.11 -9.03
N GLU A 110 -2.38 12.57 -8.07
CA GLU A 110 -1.77 11.80 -6.96
C GLU A 110 -2.48 10.44 -6.81
N THR A 111 -1.69 9.39 -6.77
CA THR A 111 -2.21 8.04 -6.59
C THR A 111 -1.48 7.32 -5.47
N TRP A 112 -2.21 6.63 -4.60
CA TRP A 112 -1.57 5.75 -3.62
C TRP A 112 -1.87 4.30 -3.94
N VAL A 113 -0.82 3.54 -4.21
CA VAL A 113 -0.89 2.12 -4.45
C VAL A 113 -0.86 1.42 -3.11
N ILE A 114 -1.92 0.70 -2.80
CA ILE A 114 -2.11 0.18 -1.43
C ILE A 114 -1.99 -1.34 -1.32
N GLY A 115 -1.41 -1.99 -2.34
CA GLY A 115 -1.17 -3.43 -2.31
C GLY A 115 -1.71 -4.17 -3.51
N GLY A 116 -1.37 -5.45 -3.63
CA GLY A 116 -0.52 -6.16 -2.68
C GLY A 116 0.87 -6.38 -3.25
N GLY A 117 1.50 -7.52 -2.92
CA GLY A 117 2.84 -7.77 -3.41
C GLY A 117 3.06 -7.61 -4.91
N GLN A 118 2.16 -8.19 -5.69
CA GLN A 118 2.27 -8.08 -7.13
C GLN A 118 2.19 -6.65 -7.63
N VAL A 119 1.19 -5.95 -7.17
CA VAL A 119 0.99 -4.58 -7.65
C VAL A 119 2.08 -3.63 -7.13
N TYR A 120 2.58 -3.82 -5.90
CA TYR A 120 3.71 -2.98 -5.46
C TYR A 120 4.90 -3.18 -6.39
N ALA A 121 5.19 -4.45 -6.67
CA ALA A 121 6.34 -4.80 -7.49
C ALA A 121 6.24 -4.11 -8.85
N LEU A 122 5.04 -4.10 -9.41
CA LEU A 122 4.84 -3.53 -10.75
C LEU A 122 4.92 -2.00 -10.76
N ALA A 123 4.41 -1.38 -9.71
CA ALA A 123 4.25 0.08 -9.68
C ALA A 123 5.51 0.81 -9.21
N LEU A 124 6.36 0.11 -8.47
CA LEU A 124 7.54 0.74 -7.89
C LEU A 124 8.39 1.57 -8.87
N PRO A 125 8.63 1.07 -10.11
CA PRO A 125 9.49 1.88 -10.98
C PRO A 125 8.92 3.28 -11.29
N TYR A 126 7.60 3.44 -11.15
CA TYR A 126 6.95 4.72 -11.40
C TYR A 126 6.86 5.62 -10.16
N ALA A 127 7.11 5.02 -9.00
CA ALA A 127 6.84 5.65 -7.70
C ALA A 127 7.94 6.62 -7.28
N THR A 128 7.55 7.72 -6.63
CA THR A 128 8.52 8.67 -6.07
C THR A 128 8.36 8.87 -4.56
N ARG A 129 7.40 8.17 -3.96
CA ARG A 129 7.17 8.20 -2.51
C ARG A 129 6.84 6.79 -2.03
N CYS A 130 7.43 6.38 -0.91
CA CYS A 130 7.00 5.17 -0.20
C CYS A 130 6.75 5.52 1.26
N GLU A 131 5.59 5.16 1.77
CA GLU A 131 5.30 5.36 3.18
C GLU A 131 5.19 3.99 3.79
N VAL A 132 6.15 3.65 4.65
CA VAL A 132 6.27 2.29 5.15
C VAL A 132 6.10 2.25 6.66
N THR A 133 5.29 1.32 7.13
CA THR A 133 5.24 0.97 8.55
C THR A 133 5.97 -0.35 8.73
N GLU A 134 6.97 -0.35 9.59
CA GLU A 134 7.65 -1.58 9.94
C GLU A 134 7.19 -2.03 11.30
N VAL A 135 6.65 -3.24 11.37
CA VAL A 135 6.16 -3.85 12.60
CA VAL A 135 6.19 -3.79 12.64
C VAL A 135 7.26 -4.74 13.13
N ASP A 136 7.60 -4.63 14.40
CA ASP A 136 8.71 -5.38 14.98
C ASP A 136 8.26 -6.78 15.32
N ILE A 137 8.09 -7.58 14.28
CA ILE A 137 7.61 -8.94 14.44
C ILE A 137 8.45 -9.78 13.50
N GLY A 138 9.08 -10.81 14.03
CA GLY A 138 10.06 -11.58 13.28
C GLY A 138 9.42 -12.73 12.54
N LEU A 139 8.56 -12.43 11.57
CA LEU A 139 7.83 -13.48 10.85
C LEU A 139 8.66 -14.04 9.72
N PRO A 140 9.16 -15.31 9.89
CA PRO A 140 9.96 -15.78 8.74
C PRO A 140 9.17 -15.86 7.44
N ARG A 141 9.86 -15.68 6.35
CA ARG A 141 9.28 -15.74 5.06
C ARG A 141 8.93 -17.19 4.70
N GLU A 142 7.77 -17.39 4.14
CA GLU A 142 7.30 -18.73 3.87
C GLU A 142 6.76 -18.81 2.46
N ALA A 143 6.79 -20.01 1.89
CA ALA A 143 6.24 -20.21 0.54
C ALA A 143 4.84 -19.59 0.44
N GLY A 144 4.63 -18.76 -0.58
CA GLY A 144 3.32 -18.18 -0.79
C GLY A 144 3.10 -16.79 -0.18
N ASP A 145 3.96 -16.39 0.75
CA ASP A 145 3.83 -15.04 1.34
C ASP A 145 3.86 -13.92 0.30
N ALA A 146 3.10 -12.86 0.55
CA ALA A 146 3.29 -11.62 -0.20
C ALA A 146 4.39 -10.83 0.49
N LEU A 147 5.31 -10.25 -0.28
CA LEU A 147 6.47 -9.58 0.30
C LEU A 147 6.49 -8.13 -0.11
N ALA A 148 7.15 -7.31 0.71
CA ALA A 148 7.32 -5.89 0.43
C ALA A 148 8.26 -5.74 -0.74
N PRO A 149 8.08 -4.68 -1.54
CA PRO A 149 9.01 -4.46 -2.62
C PRO A 149 10.39 -4.05 -2.08
N VAL A 150 11.41 -4.24 -2.89
CA VAL A 150 12.79 -3.94 -2.53
C VAL A 150 13.20 -2.59 -3.07
N LEU A 151 13.62 -1.68 -2.18
CA LEU A 151 13.98 -0.32 -2.58
C LEU A 151 15.47 -0.28 -2.92
N ASP A 152 15.84 0.34 -4.04
CA ASP A 152 17.25 0.39 -4.40
C ASP A 152 17.89 1.65 -3.83
N GLU A 153 19.13 1.89 -4.18
CA GLU A 153 19.89 3.00 -3.63
C GLU A 153 19.39 4.39 -4.09
N THR A 154 18.44 4.42 -4.99
CA THR A 154 17.95 5.72 -5.48
C THR A 154 16.98 6.34 -4.45
N TRP A 155 16.47 5.54 -3.56
CA TRP A 155 15.57 6.01 -2.53
C TRP A 155 16.29 6.66 -1.33
N ARG A 156 15.58 7.56 -0.67
CA ARG A 156 16.10 8.21 0.50
C ARG A 156 14.97 8.64 1.40
N GLY A 157 15.25 8.88 2.65
CA GLY A 157 14.23 9.39 3.55
C GLY A 157 14.59 9.30 5.00
N GLU A 158 13.58 9.36 5.83
CA GLU A 158 13.79 9.31 7.25
C GLU A 158 13.10 8.08 7.90
N THR A 159 13.77 7.59 8.93
CA THR A 159 13.32 6.46 9.74
C THR A 159 12.90 7.02 11.08
N GLY A 160 11.66 6.78 11.47
CA GLY A 160 11.17 7.27 12.75
C GLY A 160 11.61 6.38 13.89
N GLU A 161 11.33 6.79 15.12
CA GLU A 161 11.70 6.00 16.28
C GLU A 161 10.68 4.87 16.53
N TRP A 162 11.12 3.80 17.17
CA TRP A 162 10.18 2.77 17.61
C TRP A 162 9.15 3.35 18.58
N ARG A 163 7.92 2.85 18.50
CA ARG A 163 6.86 3.18 19.42
C ARG A 163 6.16 1.87 19.76
N PHE A 164 5.67 1.72 20.99
CA PHE A 164 4.80 0.59 21.31
C PHE A 164 3.36 0.92 20.93
N SER A 165 2.67 -0.06 20.40
CA SER A 165 1.23 0.03 20.21
C SER A 165 0.56 -0.23 21.55
N ARG A 166 -0.76 -0.10 21.61
CA ARG A 166 -1.49 -0.37 22.84
C ARG A 166 -1.21 -1.78 23.37
N SER A 167 -0.99 -2.72 22.46
CA SER A 167 -0.82 -4.13 22.82
C SER A 167 0.61 -4.48 23.19
N GLY A 168 1.53 -3.56 22.98
CA GLY A 168 2.94 -3.84 23.25
C GLY A 168 3.71 -4.33 22.04
N LEU A 169 3.05 -4.33 20.89
CA LEU A 169 3.72 -4.58 19.61
C LEU A 169 4.46 -3.30 19.22
N ARG A 170 5.73 -3.41 18.82
CA ARG A 170 6.52 -2.24 18.41
C ARG A 170 6.34 -1.96 16.91
N TYR A 171 6.43 -0.70 16.53
CA TYR A 171 6.39 -0.32 15.13
C TYR A 171 7.11 1.02 14.94
N ARG A 172 7.50 1.31 13.71
CA ARG A 172 8.10 2.60 13.37
C ARG A 172 7.76 2.93 11.94
N LEU A 173 7.92 4.19 11.57
CA LEU A 173 7.49 4.64 10.25
C LEU A 173 8.71 5.11 9.46
N TYR A 174 8.70 4.80 8.17
CA TYR A 174 9.69 5.33 7.23
C TYR A 174 8.97 6.16 6.21
N SER A 175 9.58 7.26 5.84
CA SER A 175 9.07 8.09 4.73
CA SER A 175 9.08 8.08 4.72
C SER A 175 10.08 8.45 3.50
N TYR A 176 9.99 7.47 2.57
CA TYR A 176 10.99 7.47 1.51
C TYR A 176 10.54 8.29 0.31
N HIS A 177 11.48 8.86 -0.33
CA HIS A 177 11.22 9.42 -1.66
CA HIS A 177 11.26 9.68 -1.59
C HIS A 177 12.51 9.32 -2.68
N ARG A 178 12.14 9.61 -3.89
CA ARG A 178 13.22 9.75 -4.87
C ARG A 178 12.80 10.71 -5.96
N SER A 179 13.73 11.05 -6.85
CA SER A 179 13.46 12.05 -7.89
C SER A 179 12.57 11.51 -9.02
C1 MMV B . -1.43 -0.48 3.53
N2 MMV B . -0.49 0.29 4.12
C3 MMV B . -0.45 0.31 5.47
N4 MMV B . -1.31 -0.41 6.21
C5 MMV B . -2.25 -1.19 5.65
C6 MMV B . -2.32 -1.25 4.27
N7 MMV B . -1.45 -0.51 2.07
N8 MMV B . 0.54 1.12 6.19
C9 MMV B . -3.21 -1.99 6.53
C10 MMV B . -4.04 -1.00 7.35
O11 MMV B . -3.28 -2.02 3.68
C12 MMV B . -4.45 -1.38 3.13
C13 MMV B . -5.48 -2.45 2.73
C14 MMV B . -5.99 -3.22 3.94
O15 MMV B . -6.66 -2.29 4.78
C16 MMV B . -7.08 -2.64 6.04
C17 MMV B . -7.68 -1.67 6.82
C18 MMV B . -8.11 -1.99 8.11
C19 MMV B . -7.94 -3.28 8.58
C20 MMV B . -7.34 -4.26 7.79
C21 MMV B . -6.91 -3.94 6.50
C22 MMV B . -7.86 -0.27 6.27
C23 MMV B . -8.90 0.56 7.02
C24 MMV B . -9.22 1.83 6.25
O25 MMV B . -8.32 2.40 5.62
O26 MMV B . -10.40 2.28 6.28
PA NAP C . -2.37 -8.35 -5.29
O1A NAP C . -1.26 -7.73 -5.74
O2A NAP C . -3.20 -7.77 -4.36
O5B NAP C . -3.34 -8.71 -6.49
C5B NAP C . -3.01 -9.56 -7.53
C4B NAP C . -3.98 -9.47 -8.70
O4B NAP C . -4.10 -8.20 -9.27
C3B NAP C . -3.73 -10.46 -9.82
O3B NAP C . -4.14 -11.74 -9.51
C2B NAP C . -4.60 -9.82 -10.91
O2B NAP C . -5.91 -10.06 -10.63
C1B NAP C . -4.33 -8.34 -10.65
N9A NAP C . -3.23 -7.79 -11.40
C8A NAP C . -1.95 -7.77 -11.07
N7A NAP C . -1.22 -7.11 -11.97
C5A NAP C . -2.05 -6.68 -12.90
C6A NAP C . -2.00 -5.91 -14.18
N6A NAP C . -0.82 -5.45 -14.64
N1A NAP C . -3.12 -5.69 -14.84
C2A NAP C . -4.27 -6.15 -14.41
N3A NAP C . -4.40 -6.84 -13.30
C4A NAP C . -3.38 -7.14 -12.52
O3 NAP C . -2.00 -9.83 -4.78
PN NAP C . -0.85 -10.32 -3.79
O1N NAP C . 0.40 -10.01 -4.29
O2N NAP C . -1.13 -11.69 -3.58
O5D NAP C . -1.11 -9.54 -2.49
C5D NAP C . -2.18 -9.86 -1.66
C4D NAP C . -1.75 -10.01 -0.18
O4D NAP C . -1.12 -8.86 0.33
C3D NAP C . -2.85 -10.35 0.80
O3D NAP C . -2.38 -11.25 1.79
C2D NAP C . -3.13 -9.03 1.51
O2D NAP C . -3.66 -9.20 2.79
C1D NAP C . -1.72 -8.45 1.52
N1N NAP C . -1.64 -7.01 1.66
C2N NAP C . -0.83 -6.47 2.58
C3N NAP C . -0.69 -5.11 2.73
C7N NAP C . 0.25 -4.55 3.80
O7N NAP C . 0.54 -3.44 3.74
N7N NAP C . 0.70 -5.38 4.72
C4N NAP C . -1.43 -4.28 1.90
C5N NAP C . -2.25 -4.84 0.96
C6N NAP C . -2.29 -6.21 0.86
P2B NAP C . -6.83 -11.12 -11.42
O1X NAP C . -6.27 -12.35 -10.91
O2X NAP C . -8.14 -10.83 -10.93
O3X NAP C . -6.63 -10.87 -12.79
C1 EDO D . -0.77 -14.30 0.25
O1 EDO D . -1.77 -13.88 1.13
C2 EDO D . -0.94 -13.73 -1.16
O2 EDO D . -2.07 -12.84 -1.17
S SO4 E . -0.04 -3.96 -18.25
O1 SO4 E . 1.10 -3.33 -18.86
O2 SO4 E . -0.91 -4.38 -19.33
O3 SO4 E . -0.66 -3.07 -17.28
O4 SO4 E . 0.25 -5.15 -17.49
S SO4 F . -6.93 -16.60 -6.43
O1 SO4 F . -8.29 -16.97 -6.27
O2 SO4 F . -6.78 -16.24 -7.80
O3 SO4 F . -6.47 -15.60 -5.54
O4 SO4 F . -6.07 -17.74 -6.27
#